data_3EUJ
#
_entry.id   3EUJ
#
_cell.length_a   58.522
_cell.length_b   180.203
_cell.length_c   138.496
_cell.angle_alpha   90.000
_cell.angle_beta   90.000
_cell.angle_gamma   90.000
#
_symmetry.space_group_name_H-M   'P 2 2 21'
#
loop_
_entity.id
_entity.type
_entity.pdbx_description
1 polymer 'Chromosome partition protein mukB, Linker'
2 polymer 'Chromosome partition protein mukF'
3 non-polymer 'PHOSPHOTHIOPHOSPHORIC ACID-ADENYLATE ESTER'
4 non-polymer 'MAGNESIUM ION'
5 water water
#
loop_
_entity_poly.entity_id
_entity_poly.type
_entity_poly.pdbx_seq_one_letter_code
_entity_poly.pdbx_strand_id
1 'polypeptide(L)'
;GHMIARGKFRSLTLINWNGFFARTFDFDELVTTLSGGNGAGKSTTMAGFVTALIPDLTLLNFRNTTEAGSTSSSRDKGLY
GKLKAGVCYAVLETVNSRAQRIITGVRLQQIAGRDKKVDIRPFSLQNVPMTDSVISLFTEQVANKARVLSLNDLKEKFEE
TAVTFKPYHSITDYHSFMFDLGILPKRLRSSSDRNKFYKLIEASLYGGISSVITKSLRDYLLPENSGVRQAFQDMEAALR
ENSGGSGGSISAESVANILRKTIQREQNRILQLNQGLQNIAFGQVKGVRLVVNIRDTHSILLNALSDQHEQHKDLFESQK
LSFSEALAMLYKRINPHIELGQRMPQTIGEELLDYRNYLDLEVETLRGAYGWMRAESSALSTGEAIGTGMSILLMVVQSW
EEESRRMRAKDILPCRLLFLDQAARLDAMSINTLFELCERLDMQLLIAAPENISPERGTTYKLVRKILANQEYVHVVGLK
GFG
;
A
2 'polypeptide(L)'
;MDKNRVFGQRLRQSIQNYFSSPWLLYTAKAEALLDLRDDEAMLNEMEAVGELPMALEYESLTDVQTQIVTAIQAELAHFR
NTAQPINLGAVLQEQLARYPQSRHFDVARIIVDQAVKLGMASQDHQAVYPVWQPIDDFSAAVQAHLIDQYDK
;
B
#
# COMPACT_ATOMS: atom_id res chain seq x y z
N MET A 3 -18.53 16.05 8.58
CA MET A 3 -17.58 14.90 8.70
C MET A 3 -17.23 14.40 7.30
N ILE A 4 -16.09 14.85 6.78
CA ILE A 4 -15.65 14.46 5.44
C ILE A 4 -15.34 12.98 5.35
N ALA A 5 -15.79 12.33 4.28
CA ALA A 5 -15.51 10.92 4.08
C ALA A 5 -14.12 10.91 3.41
N ARG A 6 -13.26 9.99 3.81
CA ARG A 6 -11.91 9.94 3.26
C ARG A 6 -11.83 9.03 2.04
N GLY A 7 -10.85 9.28 1.18
CA GLY A 7 -10.68 8.48 -0.02
C GLY A 7 -10.11 7.12 0.32
N LYS A 8 -10.64 6.07 -0.31
CA LYS A 8 -10.20 4.71 -0.04
C LYS A 8 -9.83 4.06 -1.34
N PHE A 9 -8.99 3.02 -1.28
CA PHE A 9 -8.63 2.26 -2.46
C PHE A 9 -9.65 1.14 -2.41
N ARG A 10 -10.28 0.83 -3.55
CA ARG A 10 -11.29 -0.21 -3.58
C ARG A 10 -10.84 -1.53 -4.20
N SER A 11 -9.92 -1.48 -5.16
CA SER A 11 -9.51 -2.72 -5.79
C SER A 11 -8.22 -2.68 -6.58
N LEU A 12 -7.60 -3.84 -6.69
CA LEU A 12 -6.38 -3.99 -7.46
C LEU A 12 -6.64 -5.10 -8.45
N THR A 13 -6.46 -4.80 -9.72
CA THR A 13 -6.66 -5.81 -10.74
C THR A 13 -5.42 -5.92 -11.62
N LEU A 14 -4.91 -7.14 -11.65
CA LEU A 14 -3.76 -7.50 -12.43
C LEU A 14 -4.29 -8.23 -13.66
N ILE A 15 -3.81 -7.85 -14.86
CA ILE A 15 -4.25 -8.54 -16.05
C ILE A 15 -3.06 -9.08 -16.82
N ASN A 16 -3.12 -10.40 -16.99
CA ASN A 16 -2.12 -11.21 -17.67
C ASN A 16 -0.89 -11.38 -16.81
N TRP A 17 -0.93 -10.89 -15.58
CA TRP A 17 0.21 -11.05 -14.67
C TRP A 17 0.49 -12.54 -14.48
N ASN A 18 1.76 -12.87 -14.31
CA ASN A 18 2.17 -14.26 -14.13
C ASN A 18 1.31 -14.99 -13.10
N GLY A 19 0.69 -16.08 -13.54
CA GLY A 19 -0.17 -16.86 -12.67
C GLY A 19 -1.49 -16.18 -12.31
N PHE A 20 -1.74 -15.01 -12.92
CA PHE A 20 -2.95 -14.20 -12.69
C PHE A 20 -3.40 -13.62 -14.03
N PHE A 21 -4.28 -14.31 -14.74
CA PHE A 21 -4.75 -13.81 -16.02
C PHE A 21 -5.57 -12.53 -15.83
N ALA A 22 -6.72 -12.66 -15.18
CA ALA A 22 -7.57 -11.51 -14.92
C ALA A 22 -7.90 -11.63 -13.45
N ARG A 23 -7.40 -10.70 -12.61
CA ARG A 23 -7.68 -10.81 -11.18
C ARG A 23 -7.90 -9.52 -10.42
N THR A 24 -8.99 -9.51 -9.65
CA THR A 24 -9.37 -8.36 -8.84
C THR A 24 -9.27 -8.67 -7.34
N PHE A 25 -8.68 -7.74 -6.59
CA PHE A 25 -8.55 -7.91 -5.15
C PHE A 25 -9.29 -6.75 -4.49
N ASP A 26 -10.37 -7.06 -3.80
CA ASP A 26 -11.14 -6.03 -3.14
C ASP A 26 -10.51 -5.65 -1.82
N PHE A 27 -10.05 -4.41 -1.67
CA PHE A 27 -9.45 -4.03 -0.42
C PHE A 27 -10.51 -3.70 0.62
N ASP A 28 -10.26 -4.08 1.86
CA ASP A 28 -11.19 -3.81 2.95
C ASP A 28 -11.14 -2.32 3.29
N GLU A 29 -12.17 -1.87 3.99
CA GLU A 29 -12.27 -0.47 4.42
C GLU A 29 -11.13 -0.16 5.41
N LEU A 30 -10.53 -1.21 5.96
CA LEU A 30 -9.42 -1.08 6.93
C LEU A 30 -8.25 -2.04 6.76
N VAL A 31 -8.48 -3.34 6.97
CA VAL A 31 -7.40 -4.32 6.83
C VAL A 31 -7.68 -5.45 5.83
N THR A 32 -6.78 -5.58 4.84
CA THR A 32 -6.87 -6.66 3.85
C THR A 32 -5.62 -7.54 3.91
N THR A 33 -5.85 -8.82 4.13
CA THR A 33 -4.80 -9.82 4.27
C THR A 33 -4.77 -10.86 3.20
N LEU A 34 -3.58 -11.03 2.62
CA LEU A 34 -3.35 -12.03 1.59
C LEU A 34 -2.68 -13.26 2.26
N SER A 35 -3.39 -14.39 2.28
CA SER A 35 -2.86 -15.61 2.88
C SER A 35 -2.40 -16.52 1.78
N GLY A 36 -1.55 -17.48 2.13
CA GLY A 36 -1.06 -18.43 1.15
C GLY A 36 0.30 -18.95 1.57
N GLY A 37 0.80 -19.98 0.89
CA GLY A 37 2.09 -20.53 1.25
C GLY A 37 3.25 -19.88 0.53
N ASN A 38 4.46 -20.31 0.84
CA ASN A 38 5.65 -19.79 0.18
C ASN A 38 5.45 -19.84 -1.32
N GLY A 39 5.84 -18.78 -2.03
CA GLY A 39 5.69 -18.79 -3.48
C GLY A 39 4.29 -18.64 -4.04
N ALA A 40 3.30 -18.47 -3.15
CA ALA A 40 1.89 -18.31 -3.53
C ALA A 40 1.58 -17.17 -4.50
N GLY A 41 2.28 -16.04 -4.37
CA GLY A 41 2.04 -14.90 -5.24
C GLY A 41 1.57 -13.66 -4.50
N LYS A 42 1.67 -13.69 -3.19
CA LYS A 42 1.22 -12.57 -2.38
C LYS A 42 2.03 -11.31 -2.60
N SER A 43 3.34 -11.45 -2.80
CA SER A 43 4.22 -10.32 -3.03
C SER A 43 4.14 -9.76 -4.44
N THR A 44 3.96 -10.63 -5.42
CA THR A 44 3.84 -10.13 -6.78
C THR A 44 2.52 -9.36 -6.85
N THR A 45 1.65 -9.51 -5.86
CA THR A 45 0.38 -8.77 -5.85
C THR A 45 0.74 -7.38 -5.39
N MET A 46 1.33 -7.32 -4.19
CA MET A 46 1.77 -6.07 -3.61
C MET A 46 2.74 -5.43 -4.58
N ALA A 47 3.37 -6.26 -5.41
CA ALA A 47 4.29 -5.79 -6.43
C ALA A 47 3.49 -4.94 -7.40
N GLY A 48 2.65 -5.61 -8.19
CA GLY A 48 1.81 -4.94 -9.16
C GLY A 48 1.23 -3.65 -8.61
N PHE A 49 0.73 -3.71 -7.37
CA PHE A 49 0.15 -2.52 -6.74
C PHE A 49 1.14 -1.36 -6.89
N VAL A 50 2.29 -1.50 -6.23
CA VAL A 50 3.36 -0.49 -6.28
C VAL A 50 3.52 -0.04 -7.70
N THR A 51 3.89 -0.98 -8.57
CA THR A 51 4.08 -0.73 -9.99
C THR A 51 3.13 0.29 -10.60
N ALA A 52 1.84 0.16 -10.27
CA ALA A 52 0.81 1.05 -10.79
C ALA A 52 0.84 2.38 -10.04
N LEU A 53 1.07 2.29 -8.74
CA LEU A 53 1.12 3.47 -7.90
C LEU A 53 2.26 4.40 -8.35
N ILE A 54 3.34 3.81 -8.86
CA ILE A 54 4.51 4.56 -9.30
C ILE A 54 5.14 3.79 -10.42
N PRO A 55 4.72 4.05 -11.65
CA PRO A 55 5.27 3.35 -12.80
C PRO A 55 6.66 3.87 -13.21
N ASP A 56 7.58 3.98 -12.25
CA ASP A 56 8.90 4.44 -12.61
C ASP A 56 9.88 3.28 -12.56
N LEU A 57 10.31 2.88 -13.75
CA LEU A 57 11.25 1.78 -13.89
C LEU A 57 12.60 2.16 -13.35
N THR A 58 12.77 3.44 -13.00
CA THR A 58 14.04 3.89 -12.46
C THR A 58 14.11 3.49 -10.98
N LEU A 59 12.95 3.46 -10.32
CA LEU A 59 12.90 3.09 -8.91
C LEU A 59 12.47 1.65 -8.72
N LEU A 60 11.34 1.29 -9.31
CA LEU A 60 10.81 -0.07 -9.20
C LEU A 60 11.93 -1.11 -9.20
N ASN A 61 12.15 -1.70 -8.02
CA ASN A 61 13.18 -2.71 -7.85
C ASN A 61 12.79 -3.64 -6.72
N PHE A 62 12.42 -4.86 -7.07
CA PHE A 62 11.98 -5.81 -6.06
C PHE A 62 13.01 -6.83 -5.61
N ARG A 63 13.94 -6.42 -4.74
CA ARG A 63 14.95 -7.34 -4.22
C ARG A 63 14.17 -8.36 -3.40
N ASN A 64 14.79 -9.48 -3.08
CA ASN A 64 14.15 -10.51 -2.26
C ASN A 64 14.27 -9.97 -0.83
N THR A 65 13.27 -10.18 0.02
CA THR A 65 13.33 -9.67 1.39
C THR A 65 14.55 -10.11 2.15
N THR A 66 15.05 -11.31 1.84
CA THR A 66 16.23 -11.85 2.50
C THR A 66 17.42 -10.94 2.24
N GLU A 67 17.27 -10.05 1.27
CA GLU A 67 18.31 -9.09 0.91
C GLU A 67 17.69 -7.72 0.96
N ALA A 68 17.69 -7.09 2.13
CA ALA A 68 17.05 -5.79 2.28
C ALA A 68 17.98 -4.59 2.14
N GLY A 69 18.85 -4.40 3.13
CA GLY A 69 19.76 -3.27 3.08
C GLY A 69 20.77 -3.34 1.95
N SER A 70 20.36 -3.91 0.82
CA SER A 70 21.25 -4.04 -0.33
C SER A 70 21.32 -2.79 -1.17
N THR A 71 22.54 -2.36 -1.45
CA THR A 71 22.81 -1.17 -2.25
C THR A 71 22.89 -1.57 -3.73
N SER A 72 22.83 -2.88 -3.97
CA SER A 72 22.90 -3.43 -5.31
C SER A 72 22.00 -2.64 -6.24
N SER A 73 22.61 -2.06 -7.29
CA SER A 73 21.89 -1.27 -8.28
C SER A 73 21.98 -1.92 -9.65
N SER A 74 22.81 -2.94 -9.74
CA SER A 74 23.01 -3.64 -11.01
C SER A 74 22.02 -4.77 -11.21
N ARG A 75 22.02 -5.71 -10.26
CA ARG A 75 21.15 -6.87 -10.31
C ARG A 75 19.76 -6.62 -10.91
N ASP A 76 19.12 -7.69 -11.38
CA ASP A 76 17.79 -7.64 -11.99
C ASP A 76 16.72 -6.98 -11.11
N LYS A 77 15.92 -6.11 -11.72
CA LYS A 77 14.89 -5.40 -10.98
C LYS A 77 13.77 -6.29 -10.50
N GLY A 78 13.61 -7.44 -11.12
CA GLY A 78 12.60 -8.40 -10.67
C GLY A 78 11.13 -8.35 -11.00
N LEU A 79 10.68 -7.42 -11.83
CA LEU A 79 9.28 -7.34 -12.18
C LEU A 79 8.98 -8.11 -13.48
N TYR A 80 9.85 -7.92 -14.48
CA TYR A 80 9.73 -8.60 -15.77
C TYR A 80 9.20 -10.03 -15.64
N GLY A 81 9.69 -10.75 -14.64
CA GLY A 81 9.28 -12.13 -14.47
C GLY A 81 7.93 -12.38 -13.84
N LYS A 82 7.33 -11.35 -13.26
CA LYS A 82 6.03 -11.52 -12.64
C LYS A 82 4.98 -11.34 -13.72
N LEU A 83 5.44 -10.92 -14.88
CA LEU A 83 4.57 -10.68 -16.01
C LEU A 83 4.49 -11.87 -16.97
N LYS A 84 3.51 -11.82 -17.86
CA LYS A 84 3.31 -12.86 -18.87
C LYS A 84 3.67 -12.21 -20.19
N ALA A 85 3.76 -13.00 -21.24
CA ALA A 85 4.09 -12.44 -22.54
C ALA A 85 2.94 -11.55 -23.03
N GLY A 86 3.27 -10.57 -23.86
CA GLY A 86 2.26 -9.69 -24.42
C GLY A 86 1.75 -8.56 -23.54
N VAL A 87 0.49 -8.16 -23.77
CA VAL A 87 -0.13 -7.09 -23.01
C VAL A 87 -0.48 -7.48 -21.59
N CYS A 88 -0.16 -6.58 -20.65
CA CYS A 88 -0.44 -6.77 -19.23
C CYS A 88 -0.90 -5.47 -18.59
N TYR A 89 -1.71 -5.60 -17.54
CA TYR A 89 -2.24 -4.44 -16.84
C TYR A 89 -2.05 -4.48 -15.35
N ALA A 90 -2.20 -3.32 -14.73
CA ALA A 90 -2.09 -3.14 -13.30
C ALA A 90 -3.01 -1.93 -13.08
N VAL A 91 -4.20 -2.17 -12.53
CA VAL A 91 -5.16 -1.08 -12.34
C VAL A 91 -5.59 -0.91 -10.90
N LEU A 92 -5.71 0.34 -10.49
CA LEU A 92 -6.09 0.69 -9.14
C LEU A 92 -7.40 1.41 -9.21
N GLU A 93 -8.31 1.08 -8.30
CA GLU A 93 -9.62 1.71 -8.28
C GLU A 93 -9.81 2.43 -6.96
N THR A 94 -9.94 3.75 -7.05
CA THR A 94 -10.08 4.63 -5.89
C THR A 94 -11.41 5.34 -5.92
N VAL A 95 -12.01 5.53 -4.75
CA VAL A 95 -13.27 6.23 -4.67
C VAL A 95 -13.02 7.49 -3.86
N ASN A 96 -13.13 8.63 -4.53
CA ASN A 96 -12.92 9.96 -3.96
C ASN A 96 -13.68 10.37 -2.72
N SER A 97 -13.19 11.46 -2.13
CA SER A 97 -13.84 12.04 -0.96
C SER A 97 -15.20 12.54 -1.47
N ARG A 98 -15.31 12.62 -2.81
CA ARG A 98 -16.52 13.05 -3.50
C ARG A 98 -17.15 11.81 -4.14
N ALA A 99 -16.95 10.65 -3.49
CA ALA A 99 -17.50 9.39 -3.95
C ALA A 99 -17.27 9.15 -5.44
N GLN A 100 -16.23 9.77 -5.97
CA GLN A 100 -15.92 9.64 -7.38
C GLN A 100 -15.08 8.43 -7.69
N ARG A 101 -15.65 7.48 -8.42
CA ARG A 101 -14.87 6.30 -8.77
C ARG A 101 -13.83 6.61 -9.83
N ILE A 102 -12.58 6.65 -9.43
CA ILE A 102 -11.51 6.96 -10.36
C ILE A 102 -10.70 5.69 -10.61
N ILE A 103 -10.08 5.59 -11.78
CA ILE A 103 -9.30 4.40 -12.13
C ILE A 103 -7.97 4.74 -12.79
N THR A 104 -6.90 4.40 -12.09
CA THR A 104 -5.54 4.67 -12.55
C THR A 104 -4.67 3.40 -12.58
N GLY A 105 -4.10 3.12 -13.75
CA GLY A 105 -3.27 1.95 -13.88
C GLY A 105 -2.10 2.18 -14.81
N VAL A 106 -1.57 1.07 -15.30
CA VAL A 106 -0.40 1.07 -16.17
C VAL A 106 -0.51 -0.12 -17.13
N ARG A 107 0.02 0.01 -18.35
CA ARG A 107 -0.01 -1.13 -19.27
C ARG A 107 1.40 -1.71 -19.36
N LEU A 108 1.64 -2.80 -18.63
CA LEU A 108 2.95 -3.45 -18.60
C LEU A 108 3.12 -4.42 -19.74
N GLN A 109 4.23 -4.28 -20.45
CA GLN A 109 4.52 -5.14 -21.58
C GLN A 109 6.02 -5.44 -21.77
N GLN A 110 6.40 -6.70 -21.57
CA GLN A 110 7.79 -7.11 -21.73
C GLN A 110 8.17 -6.83 -23.17
N ILE A 111 9.27 -6.12 -23.37
CA ILE A 111 9.71 -5.80 -24.72
C ILE A 111 10.21 -7.04 -25.46
N ALA A 112 10.06 -7.01 -26.79
CA ALA A 112 10.45 -8.08 -27.72
C ALA A 112 11.44 -9.11 -27.19
N GLY A 113 10.90 -10.06 -26.42
CA GLY A 113 11.66 -11.14 -25.80
C GLY A 113 13.12 -11.34 -26.15
N ARG A 114 13.92 -10.30 -25.98
CA ARG A 114 15.34 -10.36 -26.28
C ARG A 114 16.12 -10.40 -24.97
N ASP A 115 15.83 -9.43 -24.11
CA ASP A 115 16.46 -9.27 -22.80
C ASP A 115 15.43 -9.50 -21.69
N LYS A 116 15.51 -8.68 -20.64
CA LYS A 116 14.58 -8.74 -19.52
C LYS A 116 14.17 -7.32 -19.16
N LYS A 117 13.84 -6.53 -20.17
CA LYS A 117 13.42 -5.14 -19.98
C LYS A 117 11.91 -5.03 -20.16
N VAL A 118 11.28 -4.15 -19.38
CA VAL A 118 9.83 -4.00 -19.47
C VAL A 118 9.41 -2.63 -19.97
N ASP A 119 8.25 -2.59 -20.63
CA ASP A 119 7.68 -1.37 -21.15
C ASP A 119 6.39 -1.03 -20.40
N ILE A 120 6.32 0.20 -19.92
CA ILE A 120 5.16 0.67 -19.16
C ILE A 120 4.56 1.96 -19.74
N ARG A 121 3.24 2.11 -19.58
CA ARG A 121 2.54 3.30 -20.04
C ARG A 121 1.36 3.57 -19.12
N PRO A 122 1.43 4.69 -18.37
CA PRO A 122 0.40 5.12 -17.43
C PRO A 122 -0.84 5.63 -18.15
N PHE A 123 -1.99 5.47 -17.53
CA PHE A 123 -3.22 5.95 -18.11
C PHE A 123 -4.24 6.09 -17.01
N SER A 124 -5.44 6.53 -17.38
CA SER A 124 -6.50 6.70 -16.41
C SER A 124 -7.84 6.57 -17.11
N LEU A 125 -8.82 6.06 -16.37
CA LEU A 125 -10.17 5.92 -16.85
C LEU A 125 -10.98 6.72 -15.87
N GLN A 126 -12.01 7.39 -16.36
CA GLN A 126 -12.82 8.25 -15.53
C GLN A 126 -14.30 8.18 -15.89
N ASN A 127 -15.14 8.19 -14.86
CA ASN A 127 -16.58 8.12 -15.03
C ASN A 127 -17.12 6.72 -15.33
N VAL A 128 -16.37 5.68 -14.98
CA VAL A 128 -16.86 4.35 -15.26
C VAL A 128 -17.95 4.11 -14.24
N PRO A 129 -19.08 3.50 -14.66
CA PRO A 129 -20.20 3.23 -13.73
C PRO A 129 -19.79 2.32 -12.58
N MET A 130 -20.33 2.58 -11.39
CA MET A 130 -19.98 1.77 -10.23
C MET A 130 -20.39 0.30 -10.38
N THR A 131 -21.13 -0.02 -11.43
CA THR A 131 -21.54 -1.40 -11.61
C THR A 131 -20.57 -2.20 -12.47
N ASP A 132 -20.18 -1.64 -13.62
CA ASP A 132 -19.25 -2.31 -14.53
C ASP A 132 -17.97 -2.74 -13.82
N SER A 133 -17.63 -4.01 -13.97
CA SER A 133 -16.42 -4.60 -13.39
C SER A 133 -15.14 -4.00 -13.99
N VAL A 134 -14.09 -3.88 -13.19
CA VAL A 134 -12.84 -3.30 -13.69
C VAL A 134 -12.16 -4.23 -14.66
N ILE A 135 -12.49 -5.52 -14.58
CA ILE A 135 -11.90 -6.50 -15.48
C ILE A 135 -12.52 -6.34 -16.85
N SER A 136 -13.85 -6.33 -16.89
CA SER A 136 -14.61 -6.21 -18.13
C SER A 136 -14.13 -5.10 -19.04
N LEU A 137 -13.61 -4.02 -18.45
CA LEU A 137 -13.12 -2.90 -19.23
C LEU A 137 -11.90 -3.24 -20.06
N PHE A 138 -11.00 -4.06 -19.51
CA PHE A 138 -9.77 -4.41 -20.21
C PHE A 138 -9.78 -5.73 -20.98
N THR A 139 -10.90 -6.44 -20.95
CA THR A 139 -10.95 -7.70 -21.66
C THR A 139 -12.21 -7.95 -22.49
N GLU A 140 -12.03 -8.68 -23.59
CA GLU A 140 -13.09 -9.03 -24.53
C GLU A 140 -13.52 -10.47 -24.44
N GLN A 141 -14.20 -10.90 -25.50
CA GLN A 141 -14.70 -12.25 -25.66
C GLN A 141 -14.72 -12.51 -27.16
N VAL A 142 -13.62 -13.05 -27.68
CA VAL A 142 -13.49 -13.33 -29.11
C VAL A 142 -13.52 -14.83 -29.40
N ALA A 143 -14.63 -15.28 -29.99
CA ALA A 143 -14.79 -16.70 -30.33
C ALA A 143 -14.84 -17.53 -29.04
N ASN A 144 -15.64 -17.06 -28.08
CA ASN A 144 -15.79 -17.72 -26.78
C ASN A 144 -14.47 -17.86 -26.01
N LYS A 145 -13.46 -17.11 -26.45
CA LYS A 145 -12.15 -17.07 -25.82
C LYS A 145 -11.94 -15.65 -25.30
N ALA A 146 -11.34 -15.51 -24.12
CA ALA A 146 -11.10 -14.18 -23.53
C ALA A 146 -9.90 -13.52 -24.18
N ARG A 147 -9.99 -12.20 -24.34
CA ARG A 147 -8.93 -11.42 -24.97
C ARG A 147 -8.62 -10.12 -24.23
N VAL A 148 -7.34 -9.83 -24.06
CA VAL A 148 -6.94 -8.61 -23.40
C VAL A 148 -6.79 -7.54 -24.48
N LEU A 149 -7.64 -6.51 -24.45
CA LEU A 149 -7.52 -5.47 -25.46
C LEU A 149 -6.42 -4.50 -25.04
N SER A 150 -5.86 -3.79 -26.02
CA SER A 150 -4.78 -2.86 -25.74
C SER A 150 -5.26 -1.45 -25.55
N LEU A 151 -4.32 -0.55 -25.25
CA LEU A 151 -4.63 0.86 -25.03
C LEU A 151 -5.38 1.49 -26.20
N ASN A 152 -4.89 1.27 -27.40
CA ASN A 152 -5.54 1.84 -28.57
C ASN A 152 -6.96 1.29 -28.71
N ASP A 153 -7.18 0.07 -28.21
CA ASP A 153 -8.48 -0.58 -28.27
C ASP A 153 -9.41 -0.02 -27.20
N LEU A 154 -8.82 0.40 -26.08
CA LEU A 154 -9.60 1.00 -25.01
C LEU A 154 -10.04 2.36 -25.50
N LYS A 155 -9.11 3.11 -26.10
CA LYS A 155 -9.42 4.43 -26.64
C LYS A 155 -10.71 4.33 -27.44
N GLU A 156 -10.66 3.60 -28.54
CA GLU A 156 -11.83 3.41 -29.36
C GLU A 156 -13.00 3.19 -28.43
N LYS A 157 -13.04 2.00 -27.84
CA LYS A 157 -14.10 1.61 -26.91
C LYS A 157 -14.74 2.71 -26.09
N PHE A 158 -13.95 3.70 -25.66
CA PHE A 158 -14.47 4.81 -24.84
C PHE A 158 -14.46 6.19 -25.51
N GLU A 159 -14.36 6.22 -26.84
CA GLU A 159 -14.34 7.48 -27.57
C GLU A 159 -15.74 8.12 -27.55
N GLU A 160 -16.71 7.38 -28.09
CA GLU A 160 -18.09 7.85 -28.12
C GLU A 160 -18.84 7.43 -26.83
N THR A 161 -18.20 7.73 -25.72
CA THR A 161 -18.72 7.41 -24.38
C THR A 161 -18.46 8.56 -23.44
N ALA A 162 -19.13 8.51 -22.29
CA ALA A 162 -18.95 9.54 -21.28
C ALA A 162 -17.58 9.27 -20.64
N VAL A 163 -17.27 7.99 -20.46
CA VAL A 163 -15.99 7.56 -19.88
C VAL A 163 -14.81 8.32 -20.49
N THR A 164 -13.83 8.67 -19.66
CA THR A 164 -12.70 9.43 -20.16
C THR A 164 -11.36 8.75 -19.99
N PHE A 165 -10.90 8.11 -21.06
CA PHE A 165 -9.61 7.42 -21.07
C PHE A 165 -8.51 8.40 -21.45
N LYS A 166 -7.57 8.62 -20.55
CA LYS A 166 -6.48 9.53 -20.79
C LYS A 166 -5.17 8.80 -20.59
N PRO A 167 -4.46 8.49 -21.69
CA PRO A 167 -3.17 7.79 -21.60
C PRO A 167 -2.15 8.90 -21.41
N TYR A 168 -1.39 8.86 -20.33
CA TYR A 168 -0.41 9.91 -20.07
C TYR A 168 0.93 9.65 -20.76
N HIS A 169 1.55 10.72 -21.23
CA HIS A 169 2.83 10.63 -21.92
C HIS A 169 3.97 10.74 -20.92
N SER A 170 3.78 11.62 -19.94
CA SER A 170 4.77 11.84 -18.89
C SER A 170 4.22 11.36 -17.57
N ILE A 171 4.99 10.53 -16.88
CA ILE A 171 4.58 10.02 -15.58
C ILE A 171 4.17 11.21 -14.73
N THR A 172 4.91 12.31 -14.90
CA THR A 172 4.69 13.56 -14.20
C THR A 172 3.22 13.98 -14.23
N ASP A 173 2.55 13.71 -15.34
CA ASP A 173 1.15 14.08 -15.49
C ASP A 173 0.28 13.04 -14.83
N TYR A 174 0.72 11.78 -14.89
CA TYR A 174 -0.02 10.67 -14.28
C TYR A 174 -0.24 10.97 -12.79
N HIS A 175 0.83 11.35 -12.11
CA HIS A 175 0.73 11.68 -10.69
C HIS A 175 -0.03 12.99 -10.50
N SER A 176 0.28 13.98 -11.33
CA SER A 176 -0.38 15.29 -11.27
C SER A 176 -1.89 15.07 -11.28
N PHE A 177 -2.31 13.96 -11.88
CA PHE A 177 -3.72 13.59 -11.97
C PHE A 177 -4.20 12.99 -10.66
N MET A 178 -3.55 11.92 -10.21
CA MET A 178 -3.92 11.26 -8.97
C MET A 178 -3.91 12.26 -7.83
N PHE A 179 -3.08 13.29 -7.95
CA PHE A 179 -2.99 14.31 -6.92
C PHE A 179 -4.22 15.19 -6.87
N ASP A 180 -4.78 15.49 -8.04
CA ASP A 180 -5.97 16.34 -8.09
C ASP A 180 -7.23 15.62 -7.66
N LEU A 181 -7.45 14.45 -8.23
CA LEU A 181 -8.62 13.68 -7.87
C LEU A 181 -8.44 13.15 -6.47
N GLY A 182 -7.41 13.66 -5.80
CA GLY A 182 -7.14 13.28 -4.44
C GLY A 182 -7.00 11.83 -4.07
N ILE A 183 -5.84 11.25 -4.37
CA ILE A 183 -5.49 9.86 -4.09
C ILE A 183 -4.16 9.92 -3.35
N LEU A 184 -3.17 10.55 -3.99
CA LEU A 184 -1.83 10.72 -3.42
C LEU A 184 -1.85 11.76 -2.30
N PRO A 185 -0.95 11.63 -1.32
CA PRO A 185 -0.93 12.59 -0.22
C PRO A 185 -0.05 13.76 -0.59
N LYS A 186 0.83 13.54 -1.57
CA LYS A 186 1.79 14.56 -1.98
C LYS A 186 1.69 14.91 -3.46
N ARG A 187 2.51 15.86 -3.86
CA ARG A 187 2.57 16.31 -5.24
C ARG A 187 3.89 15.80 -5.79
N LEU A 188 3.87 14.77 -6.61
CA LEU A 188 5.11 14.25 -7.15
C LEU A 188 5.48 15.00 -8.43
N ARG A 189 5.92 16.23 -8.25
CA ARG A 189 6.28 17.09 -9.36
C ARG A 189 7.62 16.73 -9.99
N SER A 190 8.49 16.07 -9.25
CA SER A 190 9.79 15.72 -9.80
C SER A 190 10.36 14.38 -9.35
N SER A 191 11.34 13.89 -10.08
CA SER A 191 12.01 12.63 -9.75
C SER A 191 12.63 12.67 -8.36
N SER A 192 12.79 13.87 -7.83
CA SER A 192 13.33 14.01 -6.49
C SER A 192 12.17 13.71 -5.54
N ASP A 193 10.98 14.14 -5.97
CA ASP A 193 9.77 13.93 -5.19
C ASP A 193 9.35 12.46 -5.31
N ARG A 194 9.59 11.86 -6.48
CA ARG A 194 9.24 10.46 -6.69
C ARG A 194 10.14 9.58 -5.83
N ASN A 195 11.44 9.82 -5.91
CA ASN A 195 12.40 9.05 -5.14
C ASN A 195 11.89 8.82 -3.72
N LYS A 196 11.57 9.92 -3.04
CA LYS A 196 11.08 9.86 -1.67
C LYS A 196 9.78 9.08 -1.50
N PHE A 197 8.83 9.31 -2.39
CA PHE A 197 7.56 8.61 -2.30
C PHE A 197 7.77 7.10 -2.31
N TYR A 198 8.50 6.63 -3.32
CA TYR A 198 8.78 5.22 -3.47
C TYR A 198 9.57 4.70 -2.31
N LYS A 199 10.66 5.40 -2.01
CA LYS A 199 11.53 5.07 -0.91
C LYS A 199 10.73 4.73 0.35
N LEU A 200 9.69 5.50 0.61
CA LEU A 200 8.85 5.29 1.78
C LEU A 200 8.06 4.00 1.63
N ILE A 201 7.39 3.86 0.48
CA ILE A 201 6.60 2.67 0.19
C ILE A 201 7.50 1.46 0.35
N GLU A 202 8.70 1.55 -0.21
CA GLU A 202 9.69 0.49 -0.16
C GLU A 202 9.94 0.08 1.30
N ALA A 203 9.98 1.09 2.17
CA ALA A 203 10.24 0.89 3.58
C ALA A 203 9.11 0.32 4.40
N SER A 204 7.94 0.11 3.80
CA SER A 204 6.81 -0.44 4.53
C SER A 204 6.54 -1.85 4.04
N LEU A 205 6.93 -2.11 2.79
CA LEU A 205 6.79 -3.42 2.16
C LEU A 205 7.79 -4.32 2.86
N TYR A 206 9.03 -3.86 2.88
CA TYR A 206 10.11 -4.59 3.51
C TYR A 206 10.10 -4.45 5.02
N GLY A 207 9.49 -3.37 5.50
CA GLY A 207 9.39 -3.15 6.94
C GLY A 207 10.67 -2.89 7.71
N GLY A 208 10.55 -2.12 8.79
CA GLY A 208 11.72 -1.81 9.60
C GLY A 208 12.07 -0.34 9.54
N ILE A 209 13.25 0.02 10.07
CA ILE A 209 13.72 1.41 10.10
C ILE A 209 14.53 1.74 8.86
N SER A 210 13.99 2.60 8.01
CA SER A 210 14.66 3.00 6.78
C SER A 210 15.87 3.85 7.14
N SER A 211 17.04 3.52 6.60
CA SER A 211 18.21 4.31 6.93
C SER A 211 18.23 5.55 6.08
N VAL A 212 17.87 5.39 4.82
CA VAL A 212 17.83 6.52 3.89
C VAL A 212 16.93 7.62 4.44
N ILE A 213 15.79 7.24 5.01
CA ILE A 213 14.83 8.19 5.57
C ILE A 213 15.38 8.83 6.85
N THR A 214 15.89 8.01 7.75
CA THR A 214 16.47 8.49 9.00
C THR A 214 17.54 9.53 8.69
N LYS A 215 18.56 9.12 7.92
CA LYS A 215 19.66 10.00 7.54
C LYS A 215 19.20 11.41 7.20
N SER A 216 18.15 11.50 6.42
CA SER A 216 17.61 12.78 6.01
C SER A 216 16.13 12.90 6.38
N LEU A 217 15.87 12.81 7.68
CA LEU A 217 14.52 12.88 8.19
C LEU A 217 13.82 14.19 7.92
N ARG A 218 14.57 15.29 7.90
CA ARG A 218 13.98 16.61 7.67
C ARG A 218 13.77 16.88 6.19
N ASP A 219 13.39 15.84 5.45
CA ASP A 219 13.12 15.94 4.04
C ASP A 219 11.77 15.26 3.84
N TYR A 220 11.46 14.39 4.80
CA TYR A 220 10.22 13.64 4.80
C TYR A 220 9.29 14.19 5.89
N LEU A 221 9.71 15.27 6.55
CA LEU A 221 8.91 15.87 7.60
C LEU A 221 8.77 17.39 7.50
N LEU A 222 9.85 18.11 7.72
CA LEU A 222 9.79 19.58 7.66
C LEU A 222 9.23 20.13 6.35
N PRO A 223 8.05 20.77 6.40
CA PRO A 223 7.39 21.36 5.23
C PRO A 223 8.05 22.67 4.83
N GLU A 224 7.95 23.02 3.55
CA GLU A 224 8.52 24.27 3.05
C GLU A 224 7.45 25.35 3.12
N ASN A 225 7.43 26.12 4.20
CA ASN A 225 6.43 27.17 4.33
C ASN A 225 6.58 28.17 3.19
N SER A 226 5.66 28.08 2.23
CA SER A 226 5.66 28.95 1.06
C SER A 226 5.28 30.38 1.45
N GLY A 227 6.18 31.07 2.15
CA GLY A 227 5.90 32.43 2.57
C GLY A 227 7.01 33.06 3.40
N VAL A 228 7.81 32.23 4.07
CA VAL A 228 8.90 32.75 4.89
C VAL A 228 9.95 33.42 4.00
N ARG A 229 10.01 32.98 2.75
CA ARG A 229 10.94 33.55 1.77
C ARG A 229 10.22 34.71 1.09
N GLN A 230 9.00 34.43 0.64
CA GLN A 230 8.16 35.40 -0.06
C GLN A 230 7.91 36.64 0.79
N ALA A 231 7.45 36.42 2.03
CA ALA A 231 7.18 37.50 2.96
C ALA A 231 8.50 38.11 3.43
N PHE A 232 9.60 37.61 2.87
CA PHE A 232 10.93 38.12 3.22
C PHE A 232 11.52 38.95 2.08
N GLN A 233 11.80 38.31 0.96
CA GLN A 233 12.37 38.99 -0.20
C GLN A 233 11.62 40.29 -0.51
N ASP A 234 10.30 40.28 -0.34
CA ASP A 234 9.48 41.45 -0.60
C ASP A 234 9.61 42.45 0.55
N ALA A 252 16.54 43.06 10.12
CA ALA A 252 17.55 42.84 11.16
C ALA A 252 17.27 41.56 11.94
N GLU A 253 16.74 41.70 13.16
CA GLU A 253 16.39 40.55 13.99
C GLU A 253 15.08 39.97 13.53
N SER A 254 14.31 40.76 12.80
CA SER A 254 13.01 40.33 12.28
C SER A 254 13.10 38.92 11.71
N VAL A 255 14.19 38.65 11.01
CA VAL A 255 14.42 37.33 10.42
C VAL A 255 14.60 36.33 11.55
N ALA A 256 15.61 36.57 12.37
CA ALA A 256 15.91 35.71 13.50
C ALA A 256 14.65 35.38 14.30
N ASN A 257 13.76 36.36 14.47
CA ASN A 257 12.53 36.14 15.21
C ASN A 257 11.59 35.22 14.42
N ILE A 258 11.34 35.56 13.17
CA ILE A 258 10.47 34.75 12.33
C ILE A 258 11.02 33.34 12.14
N LEU A 259 12.34 33.21 12.03
CA LEU A 259 12.95 31.89 11.90
C LEU A 259 12.51 31.06 13.09
N ARG A 260 12.70 31.62 14.29
CA ARG A 260 12.31 30.95 15.53
C ARG A 260 10.79 30.80 15.63
N LYS A 261 10.06 31.88 15.35
CA LYS A 261 8.61 31.81 15.40
C LYS A 261 8.10 30.85 14.33
N THR A 262 9.04 30.15 13.70
CA THR A 262 8.71 29.17 12.68
C THR A 262 9.18 27.81 13.17
N ILE A 263 10.39 27.78 13.71
CA ILE A 263 10.96 26.54 14.23
C ILE A 263 10.05 26.00 15.34
N GLN A 264 9.57 26.90 16.18
CA GLN A 264 8.69 26.52 17.28
C GLN A 264 7.36 26.02 16.73
N ARG A 265 6.81 26.78 15.80
CA ARG A 265 5.52 26.46 15.18
C ARG A 265 5.56 25.04 14.65
N GLU A 266 6.67 24.68 14.01
CA GLU A 266 6.82 23.34 13.46
C GLU A 266 6.97 22.35 14.61
N GLN A 267 7.87 22.66 15.53
CA GLN A 267 8.09 21.82 16.68
C GLN A 267 6.72 21.52 17.27
N ASN A 268 5.91 22.55 17.46
CA ASN A 268 4.58 22.36 18.00
C ASN A 268 3.80 21.39 17.14
N ARG A 269 3.97 21.51 15.83
CA ARG A 269 3.25 20.64 14.90
C ARG A 269 3.65 19.19 15.14
N ILE A 270 4.94 18.93 15.11
CA ILE A 270 5.45 17.57 15.33
C ILE A 270 5.04 17.09 16.71
N LEU A 271 5.17 17.97 17.68
CA LEU A 271 4.84 17.66 19.04
C LEU A 271 3.48 16.99 19.15
N GLN A 272 2.64 17.18 18.13
CA GLN A 272 1.30 16.58 18.13
C GLN A 272 1.34 15.16 17.58
N LEU A 273 1.98 14.96 16.43
CA LEU A 273 2.10 13.62 15.87
C LEU A 273 2.64 12.71 16.98
N ASN A 274 3.74 13.15 17.56
CA ASN A 274 4.41 12.43 18.64
C ASN A 274 3.47 11.93 19.71
N GLN A 275 2.29 12.52 19.80
CA GLN A 275 1.35 12.09 20.81
C GLN A 275 0.63 10.80 20.45
N GLY A 276 0.29 10.62 19.18
CA GLY A 276 -0.38 9.41 18.79
C GLY A 276 0.53 8.19 18.71
N LEU A 277 1.61 8.19 19.49
CA LEU A 277 2.57 7.09 19.48
C LEU A 277 3.29 6.96 20.83
N GLN A 278 2.62 7.38 21.91
CA GLN A 278 3.16 7.28 23.25
C GLN A 278 2.71 5.97 23.89
N ASN A 279 1.51 5.54 23.56
CA ASN A 279 1.01 4.28 24.09
C ASN A 279 1.12 3.28 22.95
N ILE A 280 2.34 2.94 22.60
CA ILE A 280 2.64 2.01 21.52
C ILE A 280 2.93 0.64 22.16
N ALA A 281 3.11 -0.39 21.36
CA ALA A 281 3.40 -1.72 21.89
C ALA A 281 4.05 -2.67 20.89
N PHE A 282 5.34 -2.48 20.66
CA PHE A 282 6.09 -3.36 19.73
C PHE A 282 7.31 -3.96 20.45
N GLY A 283 7.20 -5.22 20.86
CA GLY A 283 8.31 -5.81 21.56
C GLY A 283 8.38 -5.09 22.88
N GLN A 284 9.55 -4.54 23.20
CA GLN A 284 9.77 -3.82 24.44
C GLN A 284 9.69 -2.32 24.24
N VAL A 285 9.31 -1.91 23.04
CA VAL A 285 9.18 -0.49 22.71
C VAL A 285 7.76 -0.05 23.08
N LYS A 286 7.65 0.96 23.95
CA LYS A 286 6.35 1.45 24.35
C LYS A 286 5.99 2.80 23.78
N GLY A 287 6.86 3.35 22.93
CA GLY A 287 6.59 4.65 22.32
C GLY A 287 7.67 5.15 21.39
N VAL A 288 7.29 6.01 20.44
CA VAL A 288 8.23 6.61 19.48
C VAL A 288 8.03 8.13 19.32
N ARG A 289 9.09 8.91 19.54
CA ARG A 289 9.01 10.36 19.41
C ARG A 289 9.82 10.83 18.23
N LEU A 290 9.62 12.09 17.92
CA LEU A 290 10.35 12.78 16.87
C LEU A 290 10.96 13.87 17.72
N VAL A 291 12.26 13.78 17.96
CA VAL A 291 12.91 14.78 18.77
C VAL A 291 13.42 15.89 17.88
N VAL A 292 13.10 17.13 18.21
CA VAL A 292 13.57 18.25 17.39
C VAL A 292 14.78 18.91 18.02
N ASN A 293 15.94 18.66 17.42
CA ASN A 293 17.19 19.22 17.90
C ASN A 293 17.66 20.31 16.95
N ILE A 294 18.25 21.36 17.52
CA ILE A 294 18.74 22.47 16.71
C ILE A 294 20.25 22.30 16.51
N ARG A 295 20.68 22.33 15.26
CA ARG A 295 22.10 22.19 14.96
C ARG A 295 22.90 23.21 15.76
N ASP A 296 23.95 22.75 16.42
CA ASP A 296 24.80 23.61 17.25
C ASP A 296 25.39 24.81 16.50
N THR A 297 25.64 24.64 15.21
CA THR A 297 26.21 25.71 14.39
C THR A 297 25.21 26.85 14.23
N HIS A 298 24.12 26.56 13.52
CA HIS A 298 23.06 27.56 13.29
C HIS A 298 22.52 28.04 14.63
N SER A 299 22.76 27.25 15.66
CA SER A 299 22.32 27.56 17.02
C SER A 299 22.96 28.86 17.51
N ILE A 300 24.17 29.12 17.05
CA ILE A 300 24.95 30.30 17.41
C ILE A 300 24.55 31.48 16.53
N LEU A 301 24.38 31.18 15.24
CA LEU A 301 23.99 32.18 14.25
C LEU A 301 22.69 32.85 14.67
N LEU A 302 21.75 32.04 15.16
CA LEU A 302 20.48 32.55 15.62
C LEU A 302 20.69 33.42 16.85
N ASN A 303 21.79 33.18 17.55
CA ASN A 303 22.12 33.93 18.76
C ASN A 303 22.70 35.29 18.38
N ALA A 304 23.45 35.31 17.28
CA ALA A 304 24.08 36.53 16.81
C ALA A 304 23.03 37.53 16.33
N LEU A 305 22.19 37.09 15.40
CA LEU A 305 21.14 37.94 14.85
C LEU A 305 20.20 38.47 15.94
N SER A 306 20.35 37.95 17.15
CA SER A 306 19.49 38.35 18.26
C SER A 306 20.18 39.25 19.28
N ASP A 307 21.21 38.72 19.92
CA ASP A 307 21.94 39.45 20.96
C ASP A 307 23.27 40.04 20.50
N GLN A 308 23.44 40.20 19.19
CA GLN A 308 24.67 40.76 18.62
C GLN A 308 24.37 41.55 17.34
N SER A 322 21.80 41.41 -0.99
CA SER A 322 22.96 41.69 -0.16
C SER A 322 22.83 41.05 1.21
N PHE A 323 21.59 40.78 1.63
CA PHE A 323 21.37 40.18 2.94
C PHE A 323 21.91 38.76 3.03
N SER A 324 21.55 37.92 2.06
CA SER A 324 22.02 36.55 2.06
C SER A 324 23.53 36.57 2.22
N GLU A 325 24.15 37.58 1.62
CA GLU A 325 25.59 37.75 1.70
C GLU A 325 25.96 38.03 3.16
N ALA A 326 25.08 38.78 3.84
CA ALA A 326 25.29 39.14 5.23
C ALA A 326 25.46 37.89 6.08
N LEU A 327 24.40 37.10 6.17
CA LEU A 327 24.44 35.87 6.94
C LEU A 327 25.68 35.07 6.56
N ALA A 328 25.99 35.07 5.26
CA ALA A 328 27.15 34.34 4.75
C ALA A 328 28.37 34.65 5.60
N MET A 329 28.50 35.90 6.00
CA MET A 329 29.63 36.34 6.83
C MET A 329 29.49 35.82 8.25
N LEU A 330 28.30 36.02 8.83
CA LEU A 330 28.01 35.60 10.20
C LEU A 330 28.31 34.12 10.39
N TYR A 331 27.88 33.32 9.42
CA TYR A 331 28.12 31.89 9.49
C TYR A 331 29.63 31.70 9.57
N LYS A 332 30.35 32.35 8.65
CA LYS A 332 31.80 32.27 8.58
C LYS A 332 32.43 32.74 9.89
N ARG A 333 32.04 33.94 10.34
CA ARG A 333 32.58 34.51 11.58
C ARG A 333 32.69 33.43 12.67
N ILE A 334 31.77 32.47 12.64
CA ILE A 334 31.77 31.39 13.64
C ILE A 334 31.78 30.02 12.95
N GLY A 349 24.43 30.21 1.94
CA GLY A 349 23.83 31.48 1.56
C GLY A 349 22.35 31.55 1.91
N GLU A 350 21.50 31.53 0.89
CA GLU A 350 20.06 31.57 1.12
C GLU A 350 19.62 30.27 1.81
N GLU A 351 20.58 29.39 2.04
CA GLU A 351 20.30 28.13 2.71
C GLU A 351 20.13 28.37 4.20
N LEU A 352 20.44 29.59 4.63
CA LEU A 352 20.30 29.96 6.02
C LEU A 352 19.01 30.73 6.21
N LEU A 353 18.16 30.68 5.20
CA LEU A 353 16.86 31.34 5.23
C LEU A 353 15.81 30.26 5.31
N ASP A 354 16.23 29.04 4.99
CA ASP A 354 15.36 27.86 5.04
C ASP A 354 15.53 27.27 6.43
N TYR A 355 14.51 27.44 7.29
CA TYR A 355 14.55 26.96 8.67
C TYR A 355 14.86 25.47 8.80
N ARG A 356 14.35 24.65 7.88
CA ARG A 356 14.59 23.22 7.95
C ARG A 356 16.09 22.95 7.93
N ASN A 357 16.86 23.93 7.49
CA ASN A 357 18.31 23.77 7.44
C ASN A 357 18.95 24.07 8.78
N TYR A 358 18.13 24.44 9.77
CA TYR A 358 18.60 24.75 11.12
C TYR A 358 18.30 23.56 12.03
N LEU A 359 17.09 23.03 11.89
CA LEU A 359 16.65 21.90 12.68
C LEU A 359 17.47 20.66 12.38
N ASP A 360 17.29 19.65 13.22
CA ASP A 360 17.99 18.39 13.06
C ASP A 360 17.16 17.33 13.79
N LEU A 361 16.32 16.63 13.03
CA LEU A 361 15.46 15.60 13.61
C LEU A 361 16.22 14.39 14.11
N GLU A 362 15.50 13.49 14.78
CA GLU A 362 16.10 12.29 15.37
C GLU A 362 15.00 11.47 16.05
N VAL A 363 14.78 10.25 15.57
CA VAL A 363 13.75 9.39 16.14
C VAL A 363 14.18 8.76 17.45
N GLU A 364 13.24 8.51 18.34
CA GLU A 364 13.55 7.89 19.62
C GLU A 364 12.51 6.84 20.02
N THR A 365 12.97 5.79 20.68
CA THR A 365 12.10 4.71 21.13
C THR A 365 12.07 4.65 22.65
N LEU A 366 10.94 4.22 23.20
CA LEU A 366 10.79 4.15 24.65
C LEU A 366 10.71 2.74 25.22
N ARG A 367 11.83 2.26 25.75
CA ARG A 367 11.90 0.93 26.33
C ARG A 367 11.84 1.13 27.85
N GLY A 368 11.15 0.22 28.56
CA GLY A 368 11.02 0.32 30.00
C GLY A 368 12.33 0.32 30.79
N ALA A 369 13.44 0.54 30.09
CA ALA A 369 14.77 0.55 30.71
C ALA A 369 15.45 1.93 30.75
N TYR A 370 16.06 2.34 29.65
CA TYR A 370 16.75 3.63 29.63
C TYR A 370 15.85 4.77 29.18
N GLY A 371 14.53 4.57 29.30
CA GLY A 371 13.57 5.59 28.91
C GLY A 371 13.53 5.88 27.42
N TRP A 372 13.97 7.08 27.03
CA TRP A 372 13.97 7.45 25.63
C TRP A 372 15.37 7.37 25.03
N MET A 373 15.58 6.39 24.18
CA MET A 373 16.87 6.19 23.52
C MET A 373 16.66 6.41 22.03
N ARG A 374 17.72 6.83 21.33
CA ARG A 374 17.64 7.04 19.88
C ARG A 374 17.42 5.72 19.16
N ALA A 375 16.45 5.69 18.26
CA ALA A 375 16.12 4.48 17.51
C ALA A 375 17.33 3.93 16.78
N GLU A 376 17.71 2.69 17.09
CA GLU A 376 18.85 2.09 16.43
C GLU A 376 18.66 0.60 16.11
N SER A 377 18.67 0.27 14.81
CA SER A 377 18.52 -1.11 14.33
C SER A 377 19.34 -2.06 15.18
N SER A 378 20.65 -1.86 15.12
CA SER A 378 21.62 -2.66 15.86
C SER A 378 21.10 -3.05 17.23
N ALA A 379 20.41 -2.13 17.89
CA ALA A 379 19.91 -2.38 19.24
C ALA A 379 18.43 -2.69 19.36
N LEU A 380 17.76 -2.99 18.26
CA LEU A 380 16.34 -3.30 18.33
C LEU A 380 16.07 -4.68 17.78
N SER A 381 15.03 -5.35 18.26
CA SER A 381 14.74 -6.65 17.68
C SER A 381 14.05 -6.39 16.35
N THR A 382 13.87 -7.45 15.57
CA THR A 382 13.20 -7.35 14.28
C THR A 382 11.78 -6.80 14.43
N GLY A 383 11.03 -7.33 15.41
CA GLY A 383 9.67 -6.90 15.65
C GLY A 383 9.55 -5.43 15.98
N GLU A 384 10.38 -4.95 16.89
CA GLU A 384 10.38 -3.53 17.29
C GLU A 384 10.95 -2.71 16.12
N ALA A 385 11.88 -3.31 15.39
CA ALA A 385 12.50 -2.66 14.25
C ALA A 385 11.41 -2.26 13.27
N ILE A 386 10.52 -3.21 13.00
CA ILE A 386 9.41 -3.02 12.07
C ILE A 386 8.39 -2.04 12.66
N GLY A 387 7.96 -2.33 13.88
CA GLY A 387 6.98 -1.48 14.55
C GLY A 387 7.46 -0.06 14.81
N THR A 388 8.77 0.19 14.68
CA THR A 388 9.31 1.52 14.90
C THR A 388 9.23 2.25 13.59
N GLY A 389 9.82 1.66 12.55
CA GLY A 389 9.79 2.30 11.23
C GLY A 389 8.37 2.54 10.76
N MET A 390 7.51 1.54 10.94
CA MET A 390 6.13 1.66 10.55
C MET A 390 5.56 2.93 11.18
N SER A 391 6.00 3.21 12.42
CA SER A 391 5.55 4.39 13.16
C SER A 391 6.08 5.66 12.54
N ILE A 392 7.38 5.70 12.27
CA ILE A 392 8.03 6.87 11.65
C ILE A 392 7.22 7.17 10.41
N LEU A 393 6.96 6.11 9.65
CA LEU A 393 6.23 6.18 8.41
C LEU A 393 4.92 6.93 8.58
N LEU A 394 4.17 6.58 9.62
CA LEU A 394 2.90 7.25 9.85
C LEU A 394 3.07 8.76 9.95
N MET A 395 4.11 9.18 10.66
CA MET A 395 4.38 10.61 10.82
C MET A 395 4.68 11.26 9.48
N VAL A 396 5.46 10.58 8.65
CA VAL A 396 5.79 11.14 7.35
C VAL A 396 4.51 11.34 6.52
N VAL A 397 3.63 10.35 6.53
CA VAL A 397 2.38 10.44 5.78
C VAL A 397 1.49 11.56 6.30
N GLN A 398 1.30 11.61 7.62
CA GLN A 398 0.48 12.65 8.23
C GLN A 398 1.06 13.99 7.85
N SER A 399 2.39 14.07 7.96
CA SER A 399 3.19 15.26 7.66
C SER A 399 2.99 15.76 6.24
N TRP A 400 3.12 14.85 5.27
CA TRP A 400 2.96 15.18 3.86
C TRP A 400 1.55 15.68 3.56
N GLU A 401 0.57 14.84 3.91
CA GLU A 401 -0.84 15.10 3.69
C GLU A 401 -1.32 16.43 4.19
N GLU A 402 -0.85 16.85 5.36
CA GLU A 402 -1.26 18.13 5.91
C GLU A 402 -0.51 19.28 5.23
N GLU A 403 0.72 19.00 4.83
CA GLU A 403 1.52 19.99 4.15
C GLU A 403 0.92 20.31 2.78
N SER A 404 -0.06 19.51 2.37
CA SER A 404 -0.73 19.67 1.06
C SER A 404 -2.15 20.21 1.10
N ARG A 405 -2.71 20.44 2.30
CA ARG A 405 -4.07 20.94 2.38
C ARG A 405 -4.31 22.19 1.53
N ARG A 406 -3.24 22.96 1.31
CA ARG A 406 -3.33 24.18 0.50
C ARG A 406 -3.58 23.87 -0.95
N MET A 407 -2.55 23.36 -1.62
CA MET A 407 -2.61 23.00 -3.03
C MET A 407 -3.70 21.98 -3.38
N ARG A 408 -4.59 21.69 -2.43
CA ARG A 408 -5.66 20.71 -2.65
C ARG A 408 -7.03 21.29 -2.31
N ALA A 409 -8.09 20.68 -2.84
CA ALA A 409 -9.45 21.15 -2.56
C ALA A 409 -9.69 21.11 -1.05
N LYS A 410 -10.91 21.37 -0.63
CA LYS A 410 -11.22 21.35 0.79
C LYS A 410 -12.23 20.25 1.15
N ASP A 411 -12.53 19.41 0.18
CA ASP A 411 -13.46 18.32 0.38
C ASP A 411 -12.76 17.07 -0.13
N ILE A 412 -11.43 17.11 -0.04
CA ILE A 412 -10.59 16.01 -0.48
C ILE A 412 -9.49 15.67 0.50
N LEU A 413 -9.52 14.43 0.97
CA LEU A 413 -8.51 13.93 1.90
C LEU A 413 -7.95 12.67 1.25
N PRO A 414 -6.69 12.72 0.82
CA PRO A 414 -6.05 11.59 0.16
C PRO A 414 -6.26 10.21 0.80
N CYS A 415 -6.04 9.19 -0.01
CA CYS A 415 -6.15 7.83 0.45
C CYS A 415 -4.89 7.62 1.26
N ARG A 416 -4.91 6.58 2.09
CA ARG A 416 -3.76 6.27 2.92
C ARG A 416 -3.72 4.77 3.16
N LEU A 417 -2.76 4.11 2.50
CA LEU A 417 -2.63 2.69 2.65
C LEU A 417 -1.17 2.31 2.81
N LEU A 418 -0.88 1.44 3.76
CA LEU A 418 0.47 0.99 4.00
C LEU A 418 0.53 -0.54 3.98
N PHE A 419 1.69 -1.08 3.61
CA PHE A 419 1.90 -2.53 3.50
C PHE A 419 2.56 -3.16 4.72
N LEU A 420 2.74 -4.47 4.63
CA LEU A 420 3.39 -5.23 5.66
C LEU A 420 3.58 -6.63 5.12
N ASP A 421 4.73 -6.85 4.48
CA ASP A 421 5.09 -8.14 3.90
C ASP A 421 5.76 -8.98 5.00
N GLN A 422 5.52 -10.29 5.00
CA GLN A 422 6.10 -11.15 6.02
C GLN A 422 5.68 -10.60 7.39
N ALA A 423 4.37 -10.60 7.62
CA ALA A 423 3.81 -10.08 8.86
C ALA A 423 4.04 -11.01 10.04
N ALA A 424 4.17 -12.30 9.78
CA ALA A 424 4.38 -13.30 10.83
C ALA A 424 5.49 -12.86 11.82
N ARG A 425 6.37 -11.96 11.35
CA ARG A 425 7.46 -11.43 12.15
C ARG A 425 6.92 -10.73 13.39
N LEU A 426 5.79 -10.08 13.24
CA LEU A 426 5.15 -9.41 14.37
C LEU A 426 4.38 -10.44 15.23
N ASP A 427 4.41 -10.24 16.54
CA ASP A 427 3.68 -11.12 17.42
C ASP A 427 2.31 -10.48 17.52
N ALA A 428 1.29 -11.27 17.85
CA ALA A 428 -0.08 -10.77 17.94
C ALA A 428 -0.20 -9.47 18.74
N MET A 429 0.61 -9.35 19.77
CA MET A 429 0.55 -8.14 20.57
C MET A 429 0.98 -6.96 19.72
N SER A 430 2.06 -7.13 18.94
CA SER A 430 2.57 -6.06 18.08
C SER A 430 1.61 -5.77 16.94
N ILE A 431 1.06 -6.83 16.36
CA ILE A 431 0.11 -6.73 15.25
C ILE A 431 -1.14 -5.93 15.70
N ASN A 432 -1.46 -5.98 16.98
CA ASN A 432 -2.60 -5.22 17.46
C ASN A 432 -2.29 -3.72 17.47
N THR A 433 -1.07 -3.35 17.87
CA THR A 433 -0.66 -1.95 17.91
C THR A 433 -0.67 -1.32 16.54
N LEU A 434 -0.41 -2.12 15.50
CA LEU A 434 -0.43 -1.61 14.13
C LEU A 434 -1.90 -1.34 13.79
N PHE A 435 -2.72 -2.37 13.91
CA PHE A 435 -4.15 -2.27 13.64
C PHE A 435 -4.83 -1.08 14.34
N GLU A 436 -4.68 -1.00 15.66
CA GLU A 436 -5.29 0.09 16.42
C GLU A 436 -4.72 1.43 16.02
N LEU A 437 -3.45 1.46 15.63
CA LEU A 437 -2.86 2.72 15.19
C LEU A 437 -3.48 3.11 13.87
N CYS A 438 -3.63 2.15 12.97
CA CYS A 438 -4.21 2.45 11.67
C CYS A 438 -5.68 2.83 11.77
N GLU A 439 -6.41 2.17 12.66
CA GLU A 439 -7.81 2.52 12.85
C GLU A 439 -7.88 4.00 13.24
N ARG A 440 -7.09 4.39 14.23
CA ARG A 440 -7.08 5.75 14.70
C ARG A 440 -6.74 6.74 13.62
N LEU A 441 -5.71 6.49 12.82
CA LEU A 441 -5.39 7.43 11.75
C LEU A 441 -6.24 7.16 10.54
N ASP A 442 -7.21 6.30 10.72
CA ASP A 442 -8.11 5.97 9.63
C ASP A 442 -7.27 5.62 8.42
N MET A 443 -6.65 4.44 8.45
CA MET A 443 -5.78 4.02 7.36
C MET A 443 -6.04 2.58 6.87
N GLN A 444 -5.74 2.36 5.60
CA GLN A 444 -5.92 1.07 4.98
C GLN A 444 -4.63 0.27 5.06
N LEU A 445 -4.77 -1.03 5.30
CA LEU A 445 -3.61 -1.90 5.40
C LEU A 445 -3.77 -3.12 4.52
N LEU A 446 -2.65 -3.55 3.97
CA LEU A 446 -2.60 -4.70 3.10
C LEU A 446 -1.41 -5.50 3.64
N ILE A 447 -1.68 -6.58 4.38
CA ILE A 447 -0.60 -7.41 4.92
C ILE A 447 -0.53 -8.82 4.35
N ALA A 448 0.71 -9.23 4.08
CA ALA A 448 1.01 -10.55 3.55
C ALA A 448 1.41 -11.46 4.70
N ALA A 449 0.66 -12.55 4.85
CA ALA A 449 0.92 -13.53 5.89
C ALA A 449 1.47 -14.81 5.27
N PRO A 450 2.79 -15.09 5.48
CA PRO A 450 3.31 -16.31 4.89
C PRO A 450 2.54 -17.43 5.59
N GLU A 451 1.84 -17.03 6.66
CA GLU A 451 1.05 -17.96 7.45
C GLU A 451 -0.31 -18.20 6.83
N ASN A 452 -0.97 -19.24 7.31
CA ASN A 452 -2.28 -19.63 6.82
C ASN A 452 -3.31 -19.44 7.93
N ILE A 453 -3.14 -18.33 8.64
CA ILE A 453 -4.00 -17.90 9.73
C ILE A 453 -3.96 -16.38 9.69
N SER A 454 -4.98 -15.77 9.08
CA SER A 454 -5.05 -14.32 8.98
C SER A 454 -5.79 -13.70 10.16
N PRO A 455 -6.03 -12.39 10.11
CA PRO A 455 -6.75 -11.75 11.22
C PRO A 455 -8.23 -11.89 10.89
N GLU A 456 -9.10 -11.61 11.86
CA GLU A 456 -10.53 -11.71 11.62
C GLU A 456 -11.10 -10.31 11.34
N ARG A 457 -10.24 -9.31 11.39
CA ARG A 457 -10.65 -7.95 11.12
C ARG A 457 -10.36 -7.59 9.65
N GLY A 458 -11.40 -7.47 8.84
CA GLY A 458 -11.18 -7.10 7.44
C GLY A 458 -11.41 -8.19 6.40
N THR A 459 -10.86 -7.97 5.20
CA THR A 459 -11.00 -8.93 4.11
C THR A 459 -9.77 -9.82 4.06
N THR A 460 -9.96 -11.08 3.66
CA THR A 460 -8.86 -12.02 3.59
C THR A 460 -8.88 -12.71 2.24
N TYR A 461 -7.78 -12.60 1.50
CA TYR A 461 -7.68 -13.27 0.21
C TYR A 461 -6.71 -14.43 0.31
N LYS A 462 -7.16 -15.60 -0.11
CA LYS A 462 -6.35 -16.81 -0.06
C LYS A 462 -5.83 -17.25 -1.43
N LEU A 463 -4.51 -17.27 -1.58
CA LEU A 463 -3.91 -17.63 -2.86
C LEU A 463 -3.36 -19.04 -2.78
N VAL A 464 -3.50 -19.82 -3.86
CA VAL A 464 -3.02 -21.21 -3.94
C VAL A 464 -2.52 -21.46 -5.37
N ARG A 465 -1.21 -21.41 -5.56
CA ARG A 465 -0.66 -21.56 -6.89
C ARG A 465 -0.73 -22.99 -7.40
N LYS A 466 -1.53 -23.23 -8.43
CA LYS A 466 -1.70 -24.55 -9.03
C LYS A 466 -1.08 -24.63 -10.44
N ILE A 467 -1.21 -25.78 -11.08
CA ILE A 467 -0.68 -26.00 -12.43
C ILE A 467 -1.72 -26.59 -13.41
N LEU A 468 -1.94 -25.89 -14.52
CA LEU A 468 -2.91 -26.30 -15.54
C LEU A 468 -2.40 -25.92 -16.93
N ALA A 469 -2.47 -26.85 -17.89
CA ALA A 469 -1.97 -26.59 -19.24
C ALA A 469 -0.51 -26.22 -19.02
N ASN A 470 0.09 -26.84 -18.01
CA ASN A 470 1.48 -26.62 -17.63
C ASN A 470 1.86 -25.16 -17.35
N GLN A 471 0.87 -24.35 -17.00
CA GLN A 471 1.11 -22.96 -16.70
C GLN A 471 0.77 -22.66 -15.25
N GLU A 472 1.32 -21.56 -14.75
CA GLU A 472 1.08 -21.14 -13.37
C GLU A 472 -0.34 -20.56 -13.30
N TYR A 473 -1.16 -21.08 -12.38
CA TYR A 473 -2.51 -20.57 -12.24
C TYR A 473 -2.88 -20.40 -10.76
N VAL A 474 -2.93 -19.15 -10.30
CA VAL A 474 -3.27 -18.90 -8.91
C VAL A 474 -4.77 -18.85 -8.64
N HIS A 475 -5.22 -19.75 -7.77
CA HIS A 475 -6.62 -19.90 -7.37
C HIS A 475 -6.90 -19.02 -6.13
N VAL A 476 -7.53 -17.87 -6.34
CA VAL A 476 -7.81 -16.93 -5.24
C VAL A 476 -9.21 -17.04 -4.65
N VAL A 477 -9.32 -16.91 -3.34
CA VAL A 477 -10.62 -16.93 -2.70
C VAL A 477 -10.64 -15.98 -1.53
N GLY A 478 -11.47 -14.94 -1.64
CA GLY A 478 -11.60 -13.97 -0.58
C GLY A 478 -12.72 -14.32 0.40
N LEU A 479 -12.62 -13.74 1.60
CA LEU A 479 -13.58 -13.91 2.67
C LEU A 479 -13.60 -12.63 3.48
N LYS A 480 -14.77 -12.31 4.03
CA LYS A 480 -14.93 -11.11 4.83
C LYS A 480 -16.30 -11.15 5.46
N GLY A 481 -16.47 -10.42 6.55
CA GLY A 481 -17.75 -10.37 7.22
C GLY A 481 -17.75 -11.07 8.56
N PHE A 482 -16.86 -12.06 8.70
CA PHE A 482 -16.78 -12.80 9.94
C PHE A 482 -16.18 -11.96 11.06
N GLY A 483 -16.97 -11.76 12.11
CA GLY A 483 -16.52 -10.97 13.23
C GLY A 483 -17.69 -10.25 13.88
N ASP B 63 -11.35 -23.04 17.36
CA ASP B 63 -11.12 -24.50 17.23
C ASP B 63 -10.73 -24.94 15.83
N VAL B 64 -9.92 -26.00 15.78
CA VAL B 64 -9.46 -26.62 14.54
C VAL B 64 -9.24 -28.12 14.80
N GLN B 65 -10.34 -28.84 14.98
CA GLN B 65 -10.31 -30.27 15.28
C GLN B 65 -10.14 -31.10 14.01
N THR B 66 -9.23 -32.07 14.05
CA THR B 66 -8.98 -32.94 12.89
C THR B 66 -10.23 -33.74 12.55
N GLN B 67 -11.08 -33.94 13.56
CA GLN B 67 -12.33 -34.68 13.39
C GLN B 67 -13.19 -33.97 12.36
N ILE B 68 -13.53 -32.72 12.67
CA ILE B 68 -14.34 -31.88 11.80
C ILE B 68 -13.77 -31.86 10.39
N VAL B 69 -12.49 -31.53 10.27
CA VAL B 69 -11.83 -31.45 8.97
C VAL B 69 -12.14 -32.68 8.10
N THR B 70 -11.97 -33.86 8.68
CA THR B 70 -12.23 -35.11 7.96
C THR B 70 -13.72 -35.15 7.68
N ALA B 71 -14.52 -34.79 8.68
CA ALA B 71 -15.97 -34.77 8.57
C ALA B 71 -16.36 -33.87 7.41
N ILE B 72 -15.62 -32.78 7.25
CA ILE B 72 -15.87 -31.82 6.20
C ILE B 72 -15.50 -32.37 4.83
N GLN B 73 -14.30 -32.94 4.71
CA GLN B 73 -13.89 -33.50 3.43
C GLN B 73 -14.97 -34.44 2.92
N ALA B 74 -15.70 -35.06 3.84
CA ALA B 74 -16.78 -35.99 3.51
C ALA B 74 -17.93 -35.28 2.80
N GLU B 75 -18.37 -34.16 3.36
CA GLU B 75 -19.45 -33.37 2.79
C GLU B 75 -19.05 -32.79 1.43
N LEU B 76 -17.83 -32.27 1.37
CA LEU B 76 -17.30 -31.67 0.14
C LEU B 76 -16.96 -32.72 -0.92
N ALA B 77 -16.28 -33.78 -0.51
CA ALA B 77 -15.93 -34.85 -1.45
C ALA B 77 -17.19 -35.38 -2.09
N HIS B 78 -18.31 -35.20 -1.40
CA HIS B 78 -19.60 -35.64 -1.90
C HIS B 78 -19.83 -35.05 -3.30
N PHE B 79 -19.62 -33.75 -3.42
CA PHE B 79 -19.81 -33.04 -4.68
C PHE B 79 -18.77 -33.51 -5.70
N ARG B 80 -17.59 -33.88 -5.22
CA ARG B 80 -16.52 -34.37 -6.09
C ARG B 80 -17.04 -35.62 -6.80
N ASN B 81 -17.74 -36.47 -6.05
CA ASN B 81 -18.31 -37.70 -6.58
C ASN B 81 -19.15 -37.43 -7.82
N THR B 82 -20.33 -36.86 -7.60
CA THR B 82 -21.25 -36.53 -8.68
C THR B 82 -20.58 -35.67 -9.74
N ALA B 83 -21.29 -34.66 -10.22
CA ALA B 83 -20.75 -33.74 -11.21
C ALA B 83 -20.93 -32.34 -10.63
N GLN B 84 -21.68 -32.26 -9.55
CA GLN B 84 -21.98 -31.00 -8.85
C GLN B 84 -20.74 -30.22 -8.41
N PRO B 85 -20.42 -29.12 -9.11
CA PRO B 85 -19.26 -28.28 -8.76
C PRO B 85 -19.46 -27.72 -7.36
N ILE B 86 -18.49 -26.98 -6.86
CA ILE B 86 -18.64 -26.43 -5.51
C ILE B 86 -18.90 -24.92 -5.47
N ASN B 87 -20.04 -24.57 -4.88
CA ASN B 87 -20.48 -23.20 -4.75
C ASN B 87 -20.25 -22.75 -3.32
N LEU B 88 -18.99 -22.58 -2.95
CA LEU B 88 -18.61 -22.19 -1.59
C LEU B 88 -19.63 -21.27 -0.89
N GLY B 89 -20.38 -20.51 -1.69
CA GLY B 89 -21.37 -19.62 -1.12
C GLY B 89 -22.53 -20.41 -0.55
N ALA B 90 -23.05 -21.34 -1.34
CA ALA B 90 -24.15 -22.20 -0.93
C ALA B 90 -23.67 -23.14 0.16
N VAL B 91 -22.51 -23.74 -0.08
CA VAL B 91 -21.89 -24.67 0.87
C VAL B 91 -21.61 -24.04 2.23
N LEU B 92 -20.96 -22.89 2.23
CA LEU B 92 -20.65 -22.16 3.48
C LEU B 92 -21.94 -21.82 4.21
N GLN B 93 -22.89 -21.27 3.46
CA GLN B 93 -24.18 -20.90 3.98
C GLN B 93 -24.84 -22.04 4.75
N GLU B 94 -24.78 -23.24 4.18
CA GLU B 94 -25.37 -24.39 4.84
C GLU B 94 -24.49 -24.86 6.01
N GLN B 95 -23.20 -24.99 5.75
CA GLN B 95 -22.26 -25.42 6.76
C GLN B 95 -22.30 -24.59 8.04
N LEU B 96 -21.91 -23.33 7.92
CA LEU B 96 -21.88 -22.42 9.06
C LEU B 96 -23.17 -22.37 9.87
N ALA B 97 -24.26 -22.85 9.30
CA ALA B 97 -25.54 -22.85 9.99
C ALA B 97 -25.55 -23.98 11.00
N ARG B 98 -24.63 -24.93 10.86
CA ARG B 98 -24.56 -26.06 11.76
C ARG B 98 -23.80 -25.72 13.04
N TYR B 99 -22.82 -24.82 12.94
CA TYR B 99 -22.02 -24.44 14.10
C TYR B 99 -22.37 -23.01 14.53
N PRO B 100 -22.18 -22.68 15.82
CA PRO B 100 -22.48 -21.34 16.33
C PRO B 100 -21.38 -20.38 15.89
N GLN B 101 -21.68 -19.07 15.79
CA GLN B 101 -20.68 -18.08 15.37
C GLN B 101 -19.37 -18.27 16.14
N SER B 102 -19.42 -19.26 17.04
CA SER B 102 -18.29 -19.65 17.86
C SER B 102 -17.01 -19.63 17.01
N ARG B 103 -17.03 -20.42 15.94
CA ARG B 103 -15.88 -20.54 15.05
C ARG B 103 -16.22 -20.46 13.56
N HIS B 104 -17.13 -19.55 13.21
CA HIS B 104 -17.52 -19.36 11.80
C HIS B 104 -16.28 -19.10 10.94
N PHE B 105 -15.46 -18.14 11.35
CA PHE B 105 -14.26 -17.78 10.61
C PHE B 105 -13.34 -18.97 10.42
N ASP B 106 -13.14 -19.73 11.50
CA ASP B 106 -12.26 -20.90 11.44
C ASP B 106 -12.85 -21.94 10.51
N VAL B 107 -14.12 -22.28 10.74
CA VAL B 107 -14.80 -23.27 9.92
C VAL B 107 -14.80 -22.84 8.44
N ALA B 108 -15.22 -21.61 8.18
CA ALA B 108 -15.26 -21.09 6.82
C ALA B 108 -13.93 -21.32 6.13
N ARG B 109 -12.86 -20.87 6.78
CA ARG B 109 -11.50 -21.01 6.26
C ARG B 109 -11.18 -22.44 5.80
N ILE B 110 -11.58 -23.41 6.61
CA ILE B 110 -11.33 -24.81 6.30
C ILE B 110 -12.09 -25.20 5.04
N ILE B 111 -13.38 -24.91 5.02
CA ILE B 111 -14.20 -25.25 3.88
C ILE B 111 -13.67 -24.58 2.61
N VAL B 112 -12.96 -23.48 2.77
CA VAL B 112 -12.40 -22.77 1.62
C VAL B 112 -11.11 -23.43 1.12
N ASP B 113 -10.28 -23.90 2.05
CA ASP B 113 -9.03 -24.55 1.66
C ASP B 113 -9.31 -25.95 1.17
N GLN B 114 -10.28 -26.60 1.79
CA GLN B 114 -10.67 -27.95 1.38
C GLN B 114 -11.28 -27.96 -0.02
N ALA B 115 -12.22 -27.05 -0.25
CA ALA B 115 -12.87 -26.97 -1.54
C ALA B 115 -11.84 -26.75 -2.63
N VAL B 116 -10.86 -25.89 -2.34
CA VAL B 116 -9.79 -25.57 -3.28
C VAL B 116 -8.91 -26.77 -3.65
N LYS B 117 -8.75 -27.72 -2.72
CA LYS B 117 -7.96 -28.92 -2.99
C LYS B 117 -8.63 -29.76 -4.09
N LEU B 118 -9.93 -29.99 -3.93
CA LEU B 118 -10.72 -30.79 -4.87
C LEU B 118 -10.98 -30.14 -6.22
N GLY B 119 -9.97 -29.51 -6.81
CA GLY B 119 -10.17 -28.90 -8.12
C GLY B 119 -10.16 -27.38 -8.21
N MET B 120 -10.49 -26.87 -9.39
CA MET B 120 -10.49 -25.43 -9.62
C MET B 120 -11.73 -24.95 -10.34
N ALA B 121 -11.72 -23.67 -10.73
CA ALA B 121 -12.86 -23.06 -11.42
C ALA B 121 -12.56 -22.82 -12.90
N SER B 122 -13.53 -23.13 -13.75
CA SER B 122 -13.37 -22.94 -15.18
C SER B 122 -13.41 -21.48 -15.56
N GLN B 123 -14.59 -20.88 -15.38
CA GLN B 123 -14.84 -19.48 -15.71
C GLN B 123 -13.92 -18.51 -15.02
N ASP B 124 -13.01 -19.06 -14.21
CA ASP B 124 -12.03 -18.25 -13.49
C ASP B 124 -11.06 -17.68 -14.55
N HIS B 125 -10.77 -18.51 -15.56
CA HIS B 125 -9.88 -18.15 -16.66
C HIS B 125 -10.62 -17.53 -17.84
N GLN B 126 -11.75 -16.87 -17.56
CA GLN B 126 -12.53 -16.25 -18.64
C GLN B 126 -12.56 -14.72 -18.56
N ALA B 127 -11.81 -14.16 -17.63
CA ALA B 127 -11.77 -12.72 -17.44
C ALA B 127 -13.15 -12.27 -17.00
N VAL B 128 -13.71 -13.03 -16.08
CA VAL B 128 -15.03 -12.74 -15.54
C VAL B 128 -14.91 -12.54 -14.05
N TYR B 129 -15.15 -11.32 -13.62
CA TYR B 129 -15.07 -10.97 -12.21
C TYR B 129 -16.06 -11.70 -11.30
N PRO B 130 -15.57 -12.30 -10.21
CA PRO B 130 -16.38 -13.03 -9.24
C PRO B 130 -17.06 -11.99 -8.32
N VAL B 131 -18.30 -12.24 -7.93
CA VAL B 131 -19.01 -11.27 -7.11
C VAL B 131 -19.20 -11.71 -5.65
N TRP B 132 -18.88 -10.84 -4.71
CA TRP B 132 -19.03 -11.15 -3.28
C TRP B 132 -20.44 -11.60 -2.98
N GLN B 133 -20.60 -12.87 -2.66
CA GLN B 133 -21.91 -13.43 -2.34
C GLN B 133 -22.08 -13.49 -0.83
N PRO B 134 -22.96 -12.64 -0.29
CA PRO B 134 -23.17 -12.63 1.16
C PRO B 134 -23.98 -13.83 1.67
N ILE B 135 -23.87 -14.07 2.97
CA ILE B 135 -24.58 -15.14 3.64
C ILE B 135 -25.01 -14.54 4.97
N ASP B 136 -25.58 -15.37 5.85
CA ASP B 136 -25.97 -14.86 7.15
C ASP B 136 -26.98 -13.75 6.96
N ASP B 137 -27.52 -13.27 8.07
CA ASP B 137 -28.46 -12.17 8.05
C ASP B 137 -27.56 -11.08 8.59
N PHE B 138 -26.30 -11.12 8.19
CA PHE B 138 -25.33 -10.12 8.63
C PHE B 138 -24.35 -9.60 7.58
N SER B 139 -23.05 -9.75 7.82
CA SER B 139 -22.04 -9.21 6.89
C SER B 139 -21.08 -10.18 6.25
N ALA B 140 -21.39 -11.48 6.26
CA ALA B 140 -20.49 -12.49 5.69
C ALA B 140 -20.50 -12.57 4.16
N ALA B 141 -19.32 -12.59 3.55
CA ALA B 141 -19.24 -12.68 2.10
C ALA B 141 -18.11 -13.61 1.62
N VAL B 142 -18.29 -14.18 0.42
CA VAL B 142 -17.33 -15.07 -0.21
C VAL B 142 -17.19 -14.73 -1.68
N GLN B 143 -16.02 -14.25 -2.08
CA GLN B 143 -15.79 -13.91 -3.47
C GLN B 143 -15.03 -15.04 -4.15
N ALA B 144 -15.77 -16.00 -4.72
CA ALA B 144 -15.15 -17.13 -5.39
C ALA B 144 -16.03 -17.65 -6.51
N HIS B 145 -15.41 -18.15 -7.57
CA HIS B 145 -16.14 -18.68 -8.71
C HIS B 145 -16.63 -20.07 -8.37
N LEU B 146 -17.19 -20.77 -9.36
CA LEU B 146 -17.66 -22.13 -9.12
C LEU B 146 -16.53 -23.06 -9.49
N ILE B 147 -16.24 -24.01 -8.61
CA ILE B 147 -15.18 -24.98 -8.82
C ILE B 147 -15.63 -26.04 -9.85
N ASP B 148 -15.45 -25.71 -11.13
CA ASP B 148 -15.79 -26.56 -12.27
C ASP B 148 -15.04 -27.88 -12.31
N GLN B 149 -13.92 -27.79 -13.01
CA GLN B 149 -12.97 -28.89 -13.28
C GLN B 149 -12.21 -29.46 -12.08
N TYR B 150 -12.59 -30.68 -11.68
CA TYR B 150 -11.95 -31.36 -10.56
C TYR B 150 -10.68 -32.03 -11.08
N ASP B 151 -9.73 -32.26 -10.17
CA ASP B 151 -8.48 -32.92 -10.55
C ASP B 151 -8.12 -34.06 -9.60
N LYS B 152 -8.09 -35.27 -10.13
CA LYS B 152 -7.77 -36.46 -9.34
C LYS B 152 -6.32 -36.48 -8.85
#